data_6SYI
#
_entry.id   6SYI
#
_cell.length_a   37.521
_cell.length_b   120.883
_cell.length_c   122.626
_cell.angle_alpha   90.000
_cell.angle_beta   90.000
_cell.angle_gamma   90.000
#
_symmetry.space_group_name_H-M   'P 21 21 21'
#
loop_
_entity.id
_entity.type
_entity.pdbx_description
1 polymer 'Polymerase acidic protein'
2 polymer PB1-11
3 non-polymer 'TRIETHYLENE GLYCOL'
4 non-polymer 1,2-ETHANEDIOL
5 water water
#
loop_
_entity_poly.entity_id
_entity_poly.type
_entity_poly.pdbx_seq_one_letter_code
_entity_poly.pdbx_strand_id
1 'polypeptide(L)'
;SIEPFLRTTPRPLRLPDGPLCHQRSKFLLMDALKLSIEDPSHEGEGIPLYDAIKCMKTFFGWKEPNIVKPHEKGINPNYL
MAWKQVLAELQDIENEEKIPRTKNMKRTSQLKWALGENMAPEKVDFDDCKDVGDLKQYDSDEPEPRSLASWVQNEFNKAC
ELTDSSWIELDEIGEDVAPIEHIASMRRNYFTAEVSHCRATEYIMKGVYINTALLNASCAAMDDFQLIPMISKCRTKEGR
RKTNLYGFIIKGRSHLRNDTDVVNFVSMEFSLTDPRLEPHKWEKYCVLEIGDMLLRTAIGQVSRPMFLYVRTNGTSKIKM
KWGMEMRRCLLQSLQQIESMIEAESSVKEKDMTKEFFENKSETWPIGESPRGVEEGSIGKVCRTLLAKSVFNSLYASPQL
EGFSAESRKLLLIVQALRDNLEPGTFDLGGLYEAIEECLINDPWVLLNASWFNSFLTHALK
;
A
2 'polypeptide(L)' DYNPYLLFLK B
#
# COMPACT_ATOMS: atom_id res chain seq x y z
N SER A 1 19.91 -41.24 10.12
CA SER A 1 19.69 -40.32 11.27
C SER A 1 21.05 -39.99 11.94
N ILE A 2 21.17 -38.79 12.53
CA ILE A 2 22.40 -38.33 13.23
C ILE A 2 22.02 -38.05 14.69
N GLU A 3 23.02 -38.00 15.57
CA GLU A 3 22.79 -37.72 17.01
C GLU A 3 22.05 -36.39 17.14
N PRO A 4 21.11 -36.29 18.11
CA PRO A 4 20.37 -35.05 18.32
C PRO A 4 21.23 -33.79 18.45
N PHE A 5 22.37 -33.86 19.16
CA PHE A 5 23.15 -32.62 19.45
C PHE A 5 23.73 -32.05 18.15
N LEU A 6 23.82 -32.85 17.07
CA LEU A 6 24.42 -32.40 15.78
C LEU A 6 23.33 -31.84 14.86
N ARG A 7 22.06 -32.02 15.20
CA ARG A 7 20.97 -31.57 14.30
C ARG A 7 20.90 -30.04 14.44
N THR A 8 20.76 -29.36 13.31
CA THR A 8 20.72 -27.89 13.23
C THR A 8 19.24 -27.44 13.25
N THR A 9 18.88 -26.68 14.27
CA THR A 9 17.55 -26.05 14.41
C THR A 9 17.65 -24.64 13.84
N PRO A 10 16.85 -24.29 12.80
CA PRO A 10 16.81 -22.92 12.30
C PRO A 10 16.63 -21.91 13.44
N ARG A 11 17.50 -20.91 13.48
CA ARG A 11 17.45 -19.81 14.48
C ARG A 11 16.57 -18.67 13.94
N PRO A 12 16.13 -17.74 14.79
CA PRO A 12 15.48 -16.54 14.30
C PRO A 12 16.39 -15.76 13.35
N LEU A 13 15.78 -15.18 12.29
CA LEU A 13 16.43 -14.17 11.44
C LEU A 13 16.83 -13.00 12.34
N ARG A 14 17.99 -12.41 12.06
CA ARG A 14 18.48 -11.24 12.82
C ARG A 14 18.07 -9.99 12.06
N LEU A 15 17.23 -9.18 12.66
CA LEU A 15 16.82 -7.90 12.02
C LEU A 15 17.79 -6.81 12.42
N PRO A 16 18.03 -5.82 11.54
CA PRO A 16 19.01 -4.76 11.80
C PRO A 16 18.60 -3.85 12.96
N ASP A 17 19.60 -3.34 13.68
CA ASP A 17 19.46 -2.19 14.62
C ASP A 17 19.59 -0.90 13.82
N GLY A 18 19.00 0.17 14.31
CA GLY A 18 19.17 1.50 13.71
C GLY A 18 17.93 2.36 13.89
N PRO A 19 17.94 3.57 13.32
CA PRO A 19 16.80 4.47 13.38
C PRO A 19 15.59 3.73 12.79
N LEU A 20 14.39 4.08 13.24
CA LEU A 20 13.15 3.41 12.76
C LEU A 20 12.98 3.63 11.26
N CYS A 21 12.45 2.61 10.56
CA CYS A 21 12.23 2.68 9.09
C CYS A 21 11.12 3.70 8.76
N HIS A 22 11.16 4.21 7.54
CA HIS A 22 10.24 5.28 7.07
C HIS A 22 9.37 4.79 5.92
N GLN A 23 8.27 5.50 5.71
CA GLN A 23 7.33 5.19 4.62
C GLN A 23 8.08 5.34 3.29
N ARG A 24 7.84 4.41 2.36
CA ARG A 24 8.46 4.44 1.02
CA ARG A 24 8.46 4.44 1.02
C ARG A 24 7.45 3.95 -0.03
N SER A 25 6.18 3.94 0.31
CA SER A 25 5.13 3.65 -0.71
C SER A 25 5.08 4.82 -1.71
N LYS A 26 4.50 4.60 -2.88
CA LYS A 26 4.40 5.66 -3.92
C LYS A 26 3.23 6.61 -3.63
N PHE A 27 2.31 6.18 -2.78
CA PHE A 27 1.20 7.01 -2.27
C PHE A 27 0.89 6.59 -0.82
N LEU A 28 0.19 7.45 -0.10
CA LEU A 28 -0.30 7.14 1.26
C LEU A 28 -1.23 5.94 1.23
N LEU A 29 -1.23 5.19 2.34
CA LEU A 29 -2.09 4.00 2.46
C LEU A 29 -3.10 4.31 3.56
N MET A 30 -2.86 3.90 4.81
CA MET A 30 -3.88 4.07 5.87
C MET A 30 -4.06 5.57 6.16
N ASP A 31 -3.06 6.41 5.86
CA ASP A 31 -3.08 7.86 6.21
C ASP A 31 -3.84 8.69 5.17
N ALA A 32 -4.23 8.10 4.03
CA ALA A 32 -4.87 8.84 2.93
C ALA A 32 -6.19 9.41 3.43
N LEU A 33 -6.62 10.52 2.84
CA LEU A 33 -7.94 11.13 3.08
C LEU A 33 -8.54 11.47 1.73
N LYS A 34 -9.79 11.06 1.51
CA LYS A 34 -10.52 11.31 0.26
C LYS A 34 -11.45 12.50 0.46
N LEU A 35 -11.41 13.42 -0.50
CA LEU A 35 -12.50 14.42 -0.70
C LEU A 35 -13.37 13.87 -1.82
N SER A 36 -14.67 13.73 -1.56
CA SER A 36 -15.54 12.86 -2.38
C SER A 36 -16.81 13.60 -2.78
N ILE A 37 -17.30 13.27 -3.96
CA ILE A 37 -18.60 13.73 -4.50
C ILE A 37 -19.42 12.47 -4.77
N GLU A 38 -20.71 12.50 -4.48
CA GLU A 38 -21.65 11.42 -4.89
C GLU A 38 -22.00 11.74 -6.34
N ASP A 39 -21.77 10.80 -7.24
CA ASP A 39 -21.78 11.05 -8.69
C ASP A 39 -23.23 11.17 -9.10
N PRO A 40 -23.52 11.74 -10.29
CA PRO A 40 -24.89 11.73 -10.83
C PRO A 40 -25.47 10.31 -10.87
N SER A 41 -26.81 10.20 -10.84
CA SER A 41 -27.55 8.94 -11.08
C SER A 41 -26.92 8.15 -12.24
N HIS A 42 -26.57 8.82 -13.36
CA HIS A 42 -26.00 8.16 -14.57
C HIS A 42 -24.61 7.57 -14.26
N GLU A 43 -23.85 8.20 -13.37
CA GLU A 43 -22.48 7.76 -12.96
C GLU A 43 -21.53 7.84 -14.17
N GLY A 44 -21.63 8.93 -14.94
CA GLY A 44 -20.82 9.16 -16.15
C GLY A 44 -19.46 9.75 -15.81
N GLU A 45 -18.39 9.23 -16.41
CA GLU A 45 -16.99 9.69 -16.21
C GLU A 45 -16.90 11.20 -16.49
N GLY A 46 -16.68 12.00 -15.44
CA GLY A 46 -16.22 13.41 -15.54
C GLY A 46 -14.77 13.43 -15.99
N ILE A 47 -14.23 14.59 -16.39
CA ILE A 47 -12.76 14.68 -16.69
C ILE A 47 -12.03 14.90 -15.37
N PRO A 48 -10.81 14.35 -15.24
CA PRO A 48 -10.15 14.32 -13.94
C PRO A 48 -10.03 15.68 -13.24
N LEU A 49 -9.61 16.74 -13.95
CA LEU A 49 -9.41 18.05 -13.28
C LEU A 49 -10.75 18.66 -12.88
N TYR A 50 -11.83 18.40 -13.62
CA TYR A 50 -13.20 18.85 -13.24
C TYR A 50 -13.62 18.14 -11.95
N ASP A 51 -13.52 16.81 -11.92
CA ASP A 51 -13.83 15.98 -10.73
C ASP A 51 -12.96 16.44 -9.58
N ALA A 52 -11.68 16.71 -9.82
CA ALA A 52 -10.80 17.11 -8.71
C ALA A 52 -11.28 18.43 -8.10
N ILE A 53 -11.58 19.44 -8.92
CA ILE A 53 -12.05 20.76 -8.39
C ILE A 53 -13.36 20.55 -7.63
N LYS A 54 -14.29 19.80 -8.21
CA LYS A 54 -15.60 19.58 -7.60
C LYS A 54 -15.41 18.87 -6.25
N CYS A 55 -14.50 17.90 -6.17
CA CYS A 55 -14.17 17.23 -4.87
C CYS A 55 -13.60 18.27 -3.91
N MET A 56 -12.71 19.15 -4.34
CA MET A 56 -12.09 20.12 -3.38
C MET A 56 -13.17 21.08 -2.82
N LYS A 57 -14.18 21.38 -3.62
CA LYS A 57 -15.29 22.29 -3.21
C LYS A 57 -16.21 21.63 -2.17
N THR A 58 -16.09 20.32 -1.87
CA THR A 58 -16.88 19.66 -0.80
C THR A 58 -16.22 19.90 0.54
N PHE A 59 -15.02 20.46 0.53
CA PHE A 59 -14.30 20.80 1.78
C PHE A 59 -14.41 22.30 2.02
N PHE A 60 -14.84 22.71 3.22
CA PHE A 60 -15.17 24.13 3.52
C PHE A 60 -14.15 24.73 4.48
N GLY A 61 -13.04 24.04 4.75
CA GLY A 61 -12.09 24.49 5.79
C GLY A 61 -10.70 24.84 5.25
N TRP A 62 -10.58 25.11 3.95
CA TRP A 62 -9.28 25.47 3.31
C TRP A 62 -8.72 26.71 4.00
N LYS A 63 -7.41 26.72 4.23
CA LYS A 63 -6.75 27.90 4.83
C LYS A 63 -5.34 28.05 4.24
N GLU A 64 -4.72 29.18 4.54
CA GLU A 64 -3.34 29.47 4.11
CA GLU A 64 -3.33 29.48 4.12
C GLU A 64 -2.45 28.32 4.57
N PRO A 65 -1.69 27.70 3.64
CA PRO A 65 -0.85 26.56 4.00
C PRO A 65 0.36 26.98 4.82
N ASN A 66 0.81 26.09 5.70
CA ASN A 66 2.02 26.33 6.53
C ASN A 66 2.76 25.01 6.69
N ILE A 67 4.08 25.07 6.73
CA ILE A 67 4.90 23.85 6.99
C ILE A 67 4.79 23.51 8.48
N VAL A 68 4.44 22.26 8.81
CA VAL A 68 4.35 21.79 10.23
C VAL A 68 5.37 20.69 10.48
N LYS A 69 5.84 19.95 9.47
CA LYS A 69 6.96 19.00 9.71
C LYS A 69 7.86 19.05 8.49
N PRO A 70 9.02 19.73 8.57
CA PRO A 70 9.86 19.89 7.39
C PRO A 70 10.56 18.59 6.99
N HIS A 71 10.89 18.52 5.72
CA HIS A 71 11.76 17.47 5.13
C HIS A 71 13.19 17.85 5.50
N GLU A 72 13.84 17.05 6.34
CA GLU A 72 15.17 17.32 6.92
C GLU A 72 16.15 17.77 5.82
N LYS A 73 16.13 17.11 4.67
CA LYS A 73 17.14 17.28 3.59
C LYS A 73 16.57 18.06 2.39
N GLY A 74 15.48 18.79 2.57
CA GLY A 74 14.87 19.50 1.44
C GLY A 74 14.85 21.00 1.66
N ILE A 75 14.55 21.74 0.59
CA ILE A 75 14.26 23.20 0.63
C ILE A 75 12.75 23.32 0.82
N ASN A 76 12.32 23.43 2.07
CA ASN A 76 10.86 23.28 2.41
C ASN A 76 10.03 24.37 1.75
N PRO A 77 10.50 25.63 1.66
CA PRO A 77 9.75 26.67 0.95
C PRO A 77 9.33 26.20 -0.45
N ASN A 78 10.17 25.38 -1.10
CA ASN A 78 9.88 24.94 -2.48
C ASN A 78 8.64 24.04 -2.47
N TYR A 79 8.48 23.21 -1.44
CA TYR A 79 7.29 22.32 -1.35
C TYR A 79 6.05 23.14 -1.08
N LEU A 80 6.16 24.10 -0.14
CA LEU A 80 5.06 25.04 0.18
C LEU A 80 4.64 25.81 -1.09
N MET A 81 5.60 26.35 -1.83
CA MET A 81 5.33 27.12 -3.07
C MET A 81 4.75 26.21 -4.15
N ALA A 82 5.15 24.93 -4.21
CA ALA A 82 4.61 24.00 -5.22
C ALA A 82 3.11 23.81 -4.99
N TRP A 83 2.69 23.64 -3.73
CA TRP A 83 1.27 23.47 -3.39
C TRP A 83 0.52 24.76 -3.73
N LYS A 84 1.05 25.92 -3.34
CA LYS A 84 0.40 27.20 -3.68
C LYS A 84 0.29 27.33 -5.20
N GLN A 85 1.30 26.86 -5.93
CA GLN A 85 1.29 26.90 -7.41
C GLN A 85 0.18 25.99 -7.95
N VAL A 86 0.03 24.79 -7.40
CA VAL A 86 -1.09 23.91 -7.82
C VAL A 86 -2.44 24.63 -7.63
N LEU A 87 -2.66 25.27 -6.49
CA LEU A 87 -3.94 25.96 -6.21
C LEU A 87 -4.11 27.13 -7.18
N ALA A 88 -3.03 27.85 -7.51
CA ALA A 88 -3.07 29.00 -8.42
C ALA A 88 -3.42 28.49 -9.82
N GLU A 89 -2.86 27.35 -10.21
CA GLU A 89 -3.09 26.81 -11.58
C GLU A 89 -4.50 26.21 -11.66
N LEU A 90 -5.00 25.63 -10.57
CA LEU A 90 -6.42 25.18 -10.52
C LEU A 90 -7.35 26.40 -10.66
N GLN A 91 -7.01 27.51 -10.00
CA GLN A 91 -7.79 28.77 -10.12
C GLN A 91 -7.79 29.24 -11.59
N ASP A 92 -6.64 29.13 -12.27
CA ASP A 92 -6.48 29.52 -13.70
C ASP A 92 -7.46 28.70 -14.53
N ILE A 93 -7.59 27.41 -14.25
CA ILE A 93 -8.50 26.43 -14.94
C ILE A 93 -9.94 26.88 -14.74
N GLU A 94 -10.32 27.15 -13.49
CA GLU A 94 -11.65 27.67 -13.10
C GLU A 94 -11.97 28.95 -13.88
N ASN A 95 -10.99 29.83 -14.07
CA ASN A 95 -11.17 31.15 -14.75
C ASN A 95 -11.41 30.97 -16.25
N GLU A 96 -11.06 29.81 -16.83
CA GLU A 96 -11.15 29.59 -18.30
C GLU A 96 -12.59 29.18 -18.66
N GLU A 97 -12.90 29.21 -19.96
CA GLU A 97 -14.24 28.87 -20.52
C GLU A 97 -14.62 27.45 -20.04
N LYS A 98 -13.75 26.48 -20.32
CA LYS A 98 -13.96 25.03 -20.03
C LYS A 98 -12.76 24.50 -19.26
N ILE A 99 -12.99 23.48 -18.42
CA ILE A 99 -11.92 22.70 -17.72
C ILE A 99 -11.17 21.90 -18.78
N PRO A 100 -9.83 21.96 -18.82
CA PRO A 100 -9.07 21.22 -19.82
C PRO A 100 -8.92 19.75 -19.43
N ARG A 101 -8.70 18.91 -20.43
CA ARG A 101 -8.39 17.47 -20.24
C ARG A 101 -7.08 17.37 -19.46
N THR A 102 -6.09 18.22 -19.76
CA THR A 102 -4.76 18.18 -19.10
C THR A 102 -4.27 19.58 -18.73
N LYS A 103 -3.41 19.63 -17.74
CA LYS A 103 -2.82 20.90 -17.25
C LYS A 103 -1.31 20.69 -17.13
N ASN A 104 -0.57 21.35 -18.01
CA ASN A 104 0.92 21.40 -17.95
C ASN A 104 1.27 22.64 -17.13
N MET A 105 1.99 22.44 -16.05
CA MET A 105 2.27 23.52 -15.08
C MET A 105 3.40 24.41 -15.61
N LYS A 106 3.45 25.62 -15.05
CA LYS A 106 4.62 26.51 -15.20
C LYS A 106 5.84 25.82 -14.61
N ARG A 107 6.94 25.77 -15.37
CA ARG A 107 8.21 25.19 -14.89
C ARG A 107 8.94 26.26 -14.09
N THR A 108 8.48 26.46 -12.86
CA THR A 108 8.99 27.43 -11.88
C THR A 108 10.27 26.88 -11.25
N SER A 109 11.01 27.73 -10.56
CA SER A 109 12.23 27.34 -9.83
C SER A 109 11.88 26.25 -8.80
N GLN A 110 10.72 26.35 -8.13
CA GLN A 110 10.38 25.37 -7.07
C GLN A 110 10.11 23.99 -7.68
N LEU A 111 9.43 23.89 -8.84
CA LEU A 111 9.17 22.57 -9.46
C LEU A 111 10.45 22.01 -10.08
N LYS A 112 11.27 22.85 -10.71
CA LYS A 112 12.57 22.38 -11.27
C LYS A 112 13.42 21.81 -10.14
N TRP A 113 13.48 22.48 -8.98
CA TRP A 113 14.22 21.95 -7.82
C TRP A 113 13.61 20.60 -7.43
N ALA A 114 12.29 20.54 -7.24
CA ALA A 114 11.58 19.37 -6.67
C ALA A 114 11.54 18.21 -7.66
N LEU A 115 11.68 18.44 -8.98
CA LEU A 115 11.58 17.35 -9.98
C LEU A 115 12.94 16.97 -10.56
N GLY A 116 14.02 17.35 -9.84
CA GLY A 116 15.43 17.13 -10.25
C GLY A 116 15.76 17.78 -11.58
N GLU A 117 14.89 18.65 -12.13
CA GLU A 117 15.13 19.39 -13.40
C GLU A 117 16.22 20.44 -13.18
N GLU A 142 19.68 3.61 -0.67
CA GLU A 142 19.75 3.78 0.80
C GLU A 142 20.40 2.52 1.40
N PRO A 143 21.71 2.56 1.75
CA PRO A 143 22.39 1.42 2.36
C PRO A 143 22.48 1.42 3.90
N GLU A 144 21.97 2.44 4.58
CA GLU A 144 22.03 2.56 6.07
C GLU A 144 20.98 1.64 6.68
N PRO A 145 21.32 0.79 7.66
CA PRO A 145 20.32 -0.02 8.35
C PRO A 145 19.26 0.81 9.09
N ARG A 146 18.04 0.29 9.12
CA ARG A 146 16.90 0.85 9.90
C ARG A 146 16.19 -0.31 10.61
N SER A 147 15.65 -0.03 11.79
CA SER A 147 14.90 -1.01 12.60
C SER A 147 13.42 -0.98 12.19
N LEU A 148 12.75 -2.11 12.39
CA LEU A 148 11.31 -2.27 12.09
C LEU A 148 10.51 -1.38 13.04
N ALA A 149 9.76 -0.43 12.49
CA ALA A 149 8.77 0.39 13.22
C ALA A 149 7.42 -0.32 13.26
N SER A 150 6.62 -0.02 14.30
CA SER A 150 5.25 -0.53 14.51
C SER A 150 4.35 -0.17 13.33
N TRP A 151 4.62 0.92 12.61
CA TRP A 151 3.64 1.42 11.60
C TRP A 151 3.48 0.39 10.50
N VAL A 152 4.49 -0.44 10.23
CA VAL A 152 4.34 -1.37 9.08
C VAL A 152 3.23 -2.41 9.38
N GLN A 153 3.27 -3.02 10.56
CA GLN A 153 2.22 -4.00 10.94
C GLN A 153 0.85 -3.27 11.00
N ASN A 154 0.83 -2.02 11.49
CA ASN A 154 -0.42 -1.23 11.59
CA ASN A 154 -0.38 -1.16 11.59
C ASN A 154 -0.99 -1.04 10.18
N GLU A 155 -0.18 -0.67 9.19
CA GLU A 155 -0.60 -0.58 7.77
C GLU A 155 -1.16 -1.92 7.29
N PHE A 156 -0.46 -3.02 7.55
CA PHE A 156 -0.93 -4.33 7.04
C PHE A 156 -2.30 -4.69 7.66
N ASN A 157 -2.44 -4.46 8.96
CA ASN A 157 -3.74 -4.69 9.66
C ASN A 157 -4.85 -3.89 8.95
N LYS A 158 -4.62 -2.61 8.68
CA LYS A 158 -5.65 -1.75 8.06
C LYS A 158 -5.99 -2.25 6.65
N ALA A 159 -5.01 -2.80 5.92
CA ALA A 159 -5.20 -3.30 4.54
C ALA A 159 -6.10 -4.53 4.55
N CYS A 160 -6.12 -5.26 5.67
CA CYS A 160 -6.90 -6.51 5.83
C CYS A 160 -8.36 -6.18 6.15
N GLU A 161 -8.66 -4.94 6.53
CA GLU A 161 -9.98 -4.55 7.06
C GLU A 161 -10.98 -4.26 5.93
N LEU A 162 -12.26 -4.37 6.27
CA LEU A 162 -13.40 -4.01 5.38
C LEU A 162 -13.64 -2.50 5.52
N THR A 163 -13.82 -1.81 4.40
CA THR A 163 -14.31 -0.40 4.36
C THR A 163 -15.83 -0.42 4.15
N ASP A 164 -16.45 0.76 4.25
CA ASP A 164 -17.93 0.94 4.08
C ASP A 164 -18.28 0.95 2.60
N SER A 165 -17.30 0.98 1.71
CA SER A 165 -17.57 1.09 0.26
C SER A 165 -17.05 -0.13 -0.46
N SER A 166 -17.63 -0.38 -1.63
CA SER A 166 -17.25 -1.45 -2.58
C SER A 166 -16.31 -0.87 -3.63
N TRP A 167 -15.23 -1.59 -3.96
CA TRP A 167 -14.15 -1.10 -4.86
C TRP A 167 -14.18 -1.85 -6.17
N ILE A 168 -14.95 -2.92 -6.27
CA ILE A 168 -15.07 -3.71 -7.53
C ILE A 168 -16.51 -4.20 -7.70
N GLU A 169 -16.86 -4.61 -8.91
CA GLU A 169 -18.16 -5.27 -9.25
C GLU A 169 -17.94 -6.76 -9.52
N LEU A 170 -18.96 -7.59 -9.22
CA LEU A 170 -18.93 -9.08 -9.31
C LEU A 170 -18.76 -9.52 -10.78
N MET A 186 -18.09 -21.23 -12.01
CA MET A 186 -17.34 -20.03 -11.56
C MET A 186 -18.00 -19.47 -10.29
N ARG A 187 -17.77 -20.13 -9.15
CA ARG A 187 -18.25 -19.68 -7.81
C ARG A 187 -17.12 -18.85 -7.14
N ARG A 188 -16.54 -17.91 -7.90
CA ARG A 188 -15.50 -16.92 -7.48
C ARG A 188 -16.18 -15.71 -6.82
N ASN A 189 -17.51 -15.73 -6.69
CA ASN A 189 -18.34 -14.61 -6.17
C ASN A 189 -18.28 -14.61 -4.64
N TYR A 190 -18.04 -15.78 -4.05
CA TYR A 190 -17.75 -15.93 -2.61
C TYR A 190 -16.54 -15.04 -2.26
N PHE A 191 -15.46 -15.19 -3.03
CA PHE A 191 -14.15 -14.52 -2.82
C PHE A 191 -14.35 -13.01 -3.02
N THR A 192 -14.86 -12.64 -4.20
CA THR A 192 -15.20 -11.25 -4.59
C THR A 192 -16.11 -10.63 -3.50
N ALA A 193 -17.05 -11.39 -2.95
CA ALA A 193 -17.93 -10.86 -1.87
C ALA A 193 -17.08 -10.52 -0.64
N GLU A 194 -16.02 -11.30 -0.39
CA GLU A 194 -15.21 -11.15 0.85
C GLU A 194 -14.15 -10.04 0.66
N VAL A 195 -13.83 -9.68 -0.58
CA VAL A 195 -12.71 -8.71 -0.84
C VAL A 195 -13.22 -7.42 -1.51
N SER A 196 -14.46 -7.40 -2.03
CA SER A 196 -15.00 -6.21 -2.72
C SER A 196 -14.85 -4.94 -1.85
N HIS A 197 -15.09 -5.02 -0.54
CA HIS A 197 -15.05 -3.86 0.38
C HIS A 197 -13.71 -3.76 1.12
N CYS A 198 -12.77 -4.66 0.85
CA CYS A 198 -11.49 -4.75 1.60
C CYS A 198 -10.60 -3.55 1.22
N ARG A 199 -9.94 -2.95 2.19
CA ARG A 199 -9.07 -1.78 1.96
C ARG A 199 -7.94 -2.11 0.96
N ALA A 200 -7.41 -3.33 0.98
CA ALA A 200 -6.37 -3.74 0.02
C ALA A 200 -6.90 -3.53 -1.40
N THR A 201 -8.18 -3.78 -1.63
CA THR A 201 -8.84 -3.61 -2.97
C THR A 201 -8.89 -2.13 -3.36
N GLU A 202 -9.10 -1.24 -2.41
CA GLU A 202 -9.01 0.22 -2.66
C GLU A 202 -7.60 0.52 -3.19
N TYR A 203 -6.57 -0.03 -2.55
CA TYR A 203 -5.17 0.25 -2.93
C TYR A 203 -4.94 -0.22 -4.36
N ILE A 204 -5.54 -1.35 -4.74
CA ILE A 204 -5.42 -1.84 -6.14
C ILE A 204 -6.00 -0.79 -7.09
N MET A 205 -7.21 -0.34 -6.82
CA MET A 205 -7.96 0.53 -7.76
C MET A 205 -7.26 1.88 -7.80
N LYS A 206 -6.79 2.36 -6.65
CA LYS A 206 -6.03 3.62 -6.55
C LYS A 206 -4.73 3.50 -7.36
N GLY A 207 -4.01 2.39 -7.21
CA GLY A 207 -2.72 2.16 -7.90
C GLY A 207 -2.91 2.00 -9.40
N VAL A 208 -3.91 1.26 -9.84
CA VAL A 208 -4.13 1.06 -11.31
C VAL A 208 -4.46 2.43 -11.92
N TYR A 209 -5.34 3.20 -11.28
CA TYR A 209 -5.74 4.54 -11.78
C TYR A 209 -4.51 5.45 -11.95
N ILE A 210 -3.71 5.62 -10.89
CA ILE A 210 -2.66 6.66 -10.90
C ILE A 210 -1.51 6.22 -11.81
N ASN A 211 -1.20 4.92 -11.87
CA ASN A 211 -0.09 4.47 -12.74
C ASN A 211 -0.52 4.58 -14.21
N THR A 212 -1.78 4.28 -14.53
CA THR A 212 -2.28 4.44 -15.91
C THR A 212 -2.23 5.93 -16.30
N ALA A 213 -2.68 6.82 -15.42
CA ALA A 213 -2.73 8.27 -15.67
C ALA A 213 -1.30 8.78 -15.85
N LEU A 214 -0.35 8.29 -15.04
CA LEU A 214 1.06 8.73 -15.11
C LEU A 214 1.69 8.19 -16.40
N LEU A 215 1.35 6.97 -16.83
CA LEU A 215 1.94 6.43 -18.10
C LEU A 215 1.39 7.24 -19.27
N ASN A 216 0.08 7.50 -19.25
CA ASN A 216 -0.59 8.30 -20.31
C ASN A 216 0.12 9.66 -20.40
N ALA A 217 0.27 10.37 -19.29
CA ALA A 217 0.94 11.70 -19.26
C ALA A 217 2.40 11.55 -19.70
N SER A 218 3.08 10.47 -19.29
CA SER A 218 4.52 10.27 -19.58
C SER A 218 4.72 10.13 -21.10
N CYS A 219 3.76 9.53 -21.80
CA CYS A 219 3.84 9.33 -23.27
C CYS A 219 3.45 10.61 -23.99
N ALA A 220 2.46 11.33 -23.47
CA ALA A 220 1.78 12.45 -24.16
C ALA A 220 2.59 13.75 -24.01
N ALA A 221 3.27 13.96 -22.90
CA ALA A 221 3.85 15.27 -22.54
C ALA A 221 5.22 15.09 -21.89
N MET A 222 6.17 14.57 -22.66
CA MET A 222 7.46 14.07 -22.09
C MET A 222 8.24 15.19 -21.40
N ASP A 223 8.19 16.43 -21.90
CA ASP A 223 8.99 17.56 -21.36
C ASP A 223 8.18 18.40 -20.34
N ASP A 224 6.87 18.20 -20.24
CA ASP A 224 6.00 19.10 -19.44
C ASP A 224 5.82 18.55 -18.03
N PHE A 225 5.67 19.44 -17.06
CA PHE A 225 5.29 19.11 -15.66
C PHE A 225 3.77 19.06 -15.55
N GLN A 226 3.18 17.89 -15.72
CA GLN A 226 1.71 17.78 -15.82
C GLN A 226 1.13 17.49 -14.43
N LEU A 227 0.03 18.20 -14.14
CA LEU A 227 -0.72 18.04 -12.87
C LEU A 227 -1.73 16.90 -13.03
N ILE A 228 -1.58 15.85 -12.21
CA ILE A 228 -2.37 14.59 -12.36
C ILE A 228 -3.14 14.34 -11.07
N PRO A 229 -4.47 14.49 -11.09
CA PRO A 229 -5.30 14.15 -9.93
C PRO A 229 -5.18 12.66 -9.62
N MET A 230 -5.13 12.38 -8.31
CA MET A 230 -5.13 11.00 -7.77
C MET A 230 -6.59 10.65 -7.44
N ILE A 231 -7.22 9.83 -8.26
CA ILE A 231 -8.68 9.57 -8.17
C ILE A 231 -8.97 8.08 -8.03
N SER A 232 -10.05 7.78 -7.30
CA SER A 232 -10.68 6.45 -7.31
C SER A 232 -12.19 6.61 -7.33
N LYS A 233 -12.86 5.52 -7.67
CA LYS A 233 -14.35 5.42 -7.70
C LYS A 233 -14.77 4.24 -6.81
N CYS A 234 -15.83 4.41 -6.03
CA CYS A 234 -16.41 3.29 -5.26
C CYS A 234 -17.92 3.42 -5.18
N ARG A 235 -18.57 2.49 -4.49
CA ARG A 235 -20.05 2.52 -4.25
C ARG A 235 -20.32 2.39 -2.75
N THR A 236 -21.17 3.27 -2.21
CA THR A 236 -21.62 3.28 -0.78
C THR A 236 -22.54 2.09 -0.51
N LYS A 237 -22.85 1.81 0.77
CA LYS A 237 -23.86 0.82 1.22
C LYS A 237 -25.16 1.04 0.43
N GLU A 238 -25.54 2.30 0.25
CA GLU A 238 -26.81 2.73 -0.40
C GLU A 238 -26.72 2.65 -1.93
N GLY A 239 -25.65 2.09 -2.51
CA GLY A 239 -25.55 1.76 -3.95
C GLY A 239 -25.19 2.94 -4.84
N ARG A 240 -24.83 4.08 -4.24
CA ARG A 240 -24.52 5.35 -4.97
C ARG A 240 -23.03 5.35 -5.36
N ARG A 241 -22.69 5.70 -6.60
CA ARG A 241 -21.26 5.80 -6.98
C ARG A 241 -20.65 7.08 -6.41
N LYS A 242 -19.38 6.99 -6.00
CA LYS A 242 -18.64 8.13 -5.41
C LYS A 242 -17.34 8.29 -6.19
N THR A 243 -16.95 9.54 -6.41
CA THR A 243 -15.62 9.87 -6.98
C THR A 243 -14.79 10.44 -5.84
N ASN A 244 -13.55 9.95 -5.69
CA ASN A 244 -12.70 10.29 -4.53
C ASN A 244 -11.43 10.98 -5.03
N LEU A 245 -11.05 12.09 -4.42
CA LEU A 245 -9.77 12.75 -4.72
C LEU A 245 -8.84 12.58 -3.53
N TYR A 246 -7.68 11.95 -3.73
CA TYR A 246 -6.66 11.79 -2.65
C TYR A 246 -5.66 12.93 -2.59
N GLY A 247 -5.55 13.67 -3.69
CA GLY A 247 -4.47 14.63 -3.91
C GLY A 247 -4.04 14.62 -5.35
N PHE A 248 -2.80 15.01 -5.58
CA PHE A 248 -2.28 15.22 -6.95
C PHE A 248 -0.85 14.71 -7.00
N ILE A 249 -0.44 14.26 -8.17
CA ILE A 249 1.02 14.19 -8.44
C ILE A 249 1.36 15.19 -9.55
N ILE A 250 2.58 15.74 -9.48
CA ILE A 250 3.16 16.50 -10.62
C ILE A 250 4.25 15.64 -11.27
N LYS A 251 4.07 15.29 -12.53
CA LYS A 251 5.03 14.50 -13.32
C LYS A 251 6.22 15.38 -13.75
N GLY A 252 7.45 14.90 -13.60
CA GLY A 252 8.63 15.57 -14.18
C GLY A 252 8.86 15.16 -15.63
N ARG A 253 10.05 15.45 -16.14
CA ARG A 253 10.50 15.03 -17.49
C ARG A 253 10.37 13.51 -17.59
N SER A 254 9.86 13.01 -18.72
CA SER A 254 9.48 11.58 -18.86
C SER A 254 9.80 11.10 -20.28
N HIS A 255 11.09 10.99 -20.59
CA HIS A 255 11.57 10.34 -21.84
C HIS A 255 11.89 8.88 -21.48
N LEU A 256 10.85 8.04 -21.41
CA LEU A 256 10.97 6.64 -20.93
C LEU A 256 11.18 5.72 -22.15
N ARG A 257 12.36 5.82 -22.75
CA ARG A 257 12.85 4.93 -23.84
C ARG A 257 12.86 3.47 -23.33
N ASN A 258 13.57 3.21 -22.22
CA ASN A 258 13.75 1.83 -21.66
C ASN A 258 12.92 1.65 -20.39
N ASP A 259 12.68 0.38 -20.05
CA ASP A 259 11.87 -0.04 -18.87
C ASP A 259 12.46 0.52 -17.58
N THR A 260 13.79 0.65 -17.50
CA THR A 260 14.49 1.10 -16.26
C THR A 260 14.53 2.62 -16.18
N ASP A 261 14.20 3.34 -17.27
CA ASP A 261 14.22 4.83 -17.26
C ASP A 261 13.23 5.36 -16.20
N VAL A 262 13.63 6.41 -15.49
CA VAL A 262 12.88 6.88 -14.30
C VAL A 262 12.20 8.22 -14.62
N VAL A 263 10.96 8.38 -14.18
CA VAL A 263 10.23 9.68 -14.15
C VAL A 263 10.13 10.09 -12.69
N ASN A 264 10.62 11.27 -12.38
CA ASN A 264 10.47 11.88 -11.03
C ASN A 264 9.06 12.48 -10.96
N PHE A 265 8.50 12.54 -9.76
CA PHE A 265 7.19 13.20 -9.54
C PHE A 265 7.17 13.74 -8.11
N VAL A 266 6.28 14.70 -7.92
CA VAL A 266 6.00 15.25 -6.58
C VAL A 266 4.60 14.80 -6.25
N SER A 267 4.43 14.18 -5.09
CA SER A 267 3.10 13.74 -4.60
C SER A 267 2.66 14.73 -3.54
N MET A 268 1.38 15.04 -3.56
CA MET A 268 0.74 16.00 -2.62
C MET A 268 -0.55 15.37 -2.16
N GLU A 269 -0.63 14.90 -0.93
CA GLU A 269 -1.72 13.96 -0.54
C GLU A 269 -2.38 14.40 0.74
N PHE A 270 -3.70 14.46 0.72
CA PHE A 270 -4.49 14.89 1.90
C PHE A 270 -4.39 13.81 2.99
N SER A 271 -4.45 14.25 4.23
CA SER A 271 -4.45 13.34 5.39
C SER A 271 -4.97 14.05 6.63
N LEU A 272 -5.59 13.29 7.53
CA LEU A 272 -5.88 13.78 8.89
C LEU A 272 -4.80 13.34 9.87
N THR A 273 -3.79 12.59 9.42
CA THR A 273 -2.74 12.07 10.33
C THR A 273 -1.81 13.21 10.70
N ASP A 274 -1.73 13.52 11.99
CA ASP A 274 -0.73 14.48 12.51
C ASP A 274 0.65 13.85 12.39
N PRO A 275 1.61 14.50 11.70
CA PRO A 275 2.93 13.92 11.47
C PRO A 275 3.74 13.81 12.75
N ARG A 276 3.26 14.43 13.83
CA ARG A 276 3.99 14.36 15.12
C ARG A 276 3.70 13.04 15.83
N LEU A 277 2.71 12.25 15.39
CA LEU A 277 2.43 10.95 16.06
C LEU A 277 3.60 9.99 15.82
N GLU A 278 4.08 9.88 14.59
CA GLU A 278 5.20 8.98 14.20
C GLU A 278 6.16 9.69 13.27
N PRO A 279 6.97 10.66 13.74
CA PRO A 279 7.76 11.48 12.82
C PRO A 279 8.67 10.63 11.91
N HIS A 280 9.28 9.56 12.45
CA HIS A 280 10.18 8.65 11.69
C HIS A 280 9.46 8.13 10.43
N LYS A 281 8.14 7.94 10.48
CA LYS A 281 7.40 7.40 9.30
C LYS A 281 7.54 8.40 8.13
N TRP A 282 7.71 9.69 8.44
CA TRP A 282 7.57 10.77 7.45
C TRP A 282 8.91 11.43 7.09
N GLU A 283 10.03 10.71 7.29
CA GLU A 283 11.40 11.22 7.05
C GLU A 283 11.55 11.79 5.64
N LYS A 284 10.87 11.21 4.65
CA LYS A 284 11.03 11.62 3.24
C LYS A 284 10.06 12.75 2.86
N TYR A 285 9.23 13.21 3.78
CA TYR A 285 8.15 14.15 3.45
C TYR A 285 8.38 15.51 4.08
N CYS A 286 7.86 16.52 3.38
CA CYS A 286 7.44 17.81 3.96
C CYS A 286 5.93 17.76 4.22
N VAL A 287 5.51 18.10 5.42
CA VAL A 287 4.06 18.04 5.76
C VAL A 287 3.55 19.45 6.01
N LEU A 288 2.52 19.82 5.27
CA LEU A 288 1.84 21.13 5.42
C LEU A 288 0.54 20.92 6.18
N GLU A 289 0.10 21.96 6.88
CA GLU A 289 -1.29 22.06 7.40
C GLU A 289 -2.05 22.97 6.44
N ILE A 290 -3.16 22.48 5.88
CA ILE A 290 -3.82 23.13 4.72
C ILE A 290 -5.30 23.39 5.00
N GLY A 291 -5.81 22.96 6.15
CA GLY A 291 -7.26 23.16 6.39
C GLY A 291 -7.69 22.71 7.76
N ASP A 292 -8.95 23.00 8.07
CA ASP A 292 -9.62 22.62 9.33
C ASP A 292 -10.77 21.70 8.96
N MET A 293 -10.78 20.48 9.48
CA MET A 293 -11.80 19.48 9.10
C MET A 293 -12.80 19.33 10.25
N LEU A 294 -14.09 19.50 9.99
CA LEU A 294 -15.10 19.22 11.03
C LEU A 294 -15.39 17.71 11.05
N LEU A 295 -15.28 17.10 12.22
CA LEU A 295 -15.50 15.64 12.42
C LEU A 295 -16.46 15.43 13.58
N ARG A 296 -17.33 14.42 13.51
CA ARG A 296 -18.17 14.00 14.67
C ARG A 296 -17.37 13.03 15.54
N THR A 297 -17.43 13.18 16.87
CA THR A 297 -16.80 12.25 17.85
C THR A 297 -17.68 12.12 19.10
N ALA A 298 -17.09 11.65 20.21
CA ALA A 298 -17.73 11.37 21.51
C ALA A 298 -18.23 12.68 22.15
N ILE A 299 -17.32 13.66 22.33
CA ILE A 299 -17.65 15.03 22.83
C ILE A 299 -18.62 15.70 21.85
N GLY A 300 -18.62 15.27 20.59
CA GLY A 300 -19.48 15.83 19.52
C GLY A 300 -18.64 16.25 18.33
N GLN A 301 -19.03 17.34 17.65
CA GLN A 301 -18.39 17.80 16.39
C GLN A 301 -17.17 18.65 16.72
N VAL A 302 -15.99 18.25 16.21
CA VAL A 302 -14.70 18.91 16.54
C VAL A 302 -13.92 19.24 15.27
N SER A 303 -13.09 20.27 15.36
CA SER A 303 -12.15 20.74 14.32
C SER A 303 -10.86 19.92 14.47
N ARG A 304 -10.42 19.25 13.40
CA ARG A 304 -9.08 18.61 13.36
C ARG A 304 -8.36 19.08 12.12
N PRO A 305 -7.03 19.30 12.20
CA PRO A 305 -6.28 19.77 11.04
C PRO A 305 -6.33 18.79 9.87
N MET A 306 -6.44 19.31 8.66
CA MET A 306 -6.16 18.55 7.43
C MET A 306 -4.75 18.93 6.96
N PHE A 307 -3.94 17.90 6.67
CA PHE A 307 -2.53 18.03 6.31
C PHE A 307 -2.37 17.69 4.84
N LEU A 308 -1.26 18.13 4.29
CA LEU A 308 -0.82 17.72 2.93
C LEU A 308 0.57 17.11 3.10
N TYR A 309 0.68 15.83 2.78
CA TYR A 309 1.93 15.07 2.81
C TYR A 309 2.59 15.29 1.45
N VAL A 310 3.75 15.92 1.40
CA VAL A 310 4.42 16.26 0.11
C VAL A 310 5.79 15.58 0.06
N ARG A 311 6.06 14.87 -1.02
CA ARG A 311 7.43 14.35 -1.21
C ARG A 311 7.79 14.31 -2.69
N THR A 312 9.08 14.32 -2.96
CA THR A 312 9.64 13.97 -4.28
C THR A 312 9.70 12.44 -4.32
N ASN A 313 9.42 11.85 -5.47
CA ASN A 313 9.49 10.38 -5.60
C ASN A 313 9.86 10.10 -7.06
N GLY A 314 9.99 8.82 -7.40
CA GLY A 314 10.16 8.43 -8.82
C GLY A 314 9.55 7.07 -9.08
N THR A 315 9.45 6.73 -10.36
CA THR A 315 9.13 5.36 -10.79
C THR A 315 9.72 5.12 -12.18
N SER A 316 10.00 3.87 -12.47
CA SER A 316 10.45 3.45 -13.82
C SER A 316 9.20 3.16 -14.65
N LYS A 317 9.37 3.09 -15.96
CA LYS A 317 8.32 2.57 -16.87
C LYS A 317 7.88 1.18 -16.42
N ILE A 318 8.82 0.29 -16.08
CA ILE A 318 8.45 -1.11 -15.71
C ILE A 318 7.65 -1.08 -14.39
N LYS A 319 8.03 -0.23 -13.45
CA LYS A 319 7.30 -0.13 -12.15
C LYS A 319 5.90 0.44 -12.38
N MET A 320 5.76 1.41 -13.29
CA MET A 320 4.41 1.94 -13.66
C MET A 320 3.58 0.83 -14.29
N LYS A 321 4.18 0.05 -15.20
CA LYS A 321 3.44 -1.06 -15.84
C LYS A 321 2.99 -2.08 -14.77
N TRP A 322 3.84 -2.44 -13.81
CA TRP A 322 3.42 -3.36 -12.73
C TRP A 322 2.32 -2.71 -11.87
N GLY A 323 2.38 -1.40 -11.62
CA GLY A 323 1.31 -0.68 -10.90
C GLY A 323 -0.01 -0.82 -11.64
N MET A 324 0.04 -0.73 -12.97
CA MET A 324 -1.18 -0.84 -13.80
C MET A 324 -1.72 -2.28 -13.74
N GLU A 325 -0.90 -3.27 -13.35
CA GLU A 325 -1.31 -4.71 -13.30
C GLU A 325 -1.75 -5.11 -11.88
N MET A 326 -2.07 -4.18 -10.99
CA MET A 326 -2.37 -4.56 -9.58
C MET A 326 -3.64 -5.43 -9.47
N ARG A 327 -4.51 -5.47 -10.47
CA ARG A 327 -5.69 -6.39 -10.39
C ARG A 327 -5.18 -7.83 -10.32
N ARG A 328 -3.97 -8.12 -10.81
CA ARG A 328 -3.41 -9.50 -10.72
C ARG A 328 -3.34 -9.95 -9.25
N CYS A 329 -3.25 -9.02 -8.30
CA CYS A 329 -3.26 -9.34 -6.86
C CYS A 329 -4.55 -10.08 -6.49
N LEU A 330 -5.67 -9.73 -7.09
CA LEU A 330 -6.96 -10.38 -6.80
C LEU A 330 -6.91 -11.82 -7.32
N LEU A 331 -6.30 -12.01 -8.49
CA LEU A 331 -6.20 -13.34 -9.15
C LEU A 331 -5.22 -14.21 -8.37
N GLN A 332 -4.08 -13.65 -7.95
CA GLN A 332 -3.07 -14.39 -7.15
C GLN A 332 -3.73 -14.92 -5.87
N SER A 333 -4.36 -14.05 -5.10
CA SER A 333 -4.96 -14.42 -3.80
C SER A 333 -6.14 -15.37 -4.02
N LEU A 334 -6.93 -15.16 -5.09
CA LEU A 334 -8.03 -16.10 -5.44
C LEU A 334 -7.45 -17.51 -5.64
N GLN A 335 -6.41 -17.63 -6.48
CA GLN A 335 -5.71 -18.91 -6.78
C GLN A 335 -5.26 -19.57 -5.46
N GLN A 336 -4.67 -18.81 -4.53
CA GLN A 336 -4.20 -19.36 -3.23
C GLN A 336 -5.41 -19.90 -2.45
N ILE A 337 -6.52 -19.17 -2.41
CA ILE A 337 -7.77 -19.61 -1.71
C ILE A 337 -8.29 -20.91 -2.37
N GLU A 338 -8.28 -20.98 -3.71
CA GLU A 338 -8.75 -22.16 -4.48
C GLU A 338 -7.89 -23.38 -4.14
N SER A 339 -6.60 -23.28 -4.42
CA SER A 339 -5.55 -24.28 -4.09
C SER A 339 -5.79 -24.81 -2.67
N MET A 340 -6.07 -23.91 -1.71
CA MET A 340 -6.32 -24.23 -0.28
C MET A 340 -7.65 -25.00 -0.14
N ILE A 341 -8.71 -24.54 -0.77
CA ILE A 341 -10.06 -25.18 -0.70
C ILE A 341 -10.00 -26.55 -1.37
N GLU A 342 -9.20 -26.73 -2.43
CA GLU A 342 -9.03 -28.03 -3.11
C GLU A 342 -8.45 -29.06 -2.12
N ALA A 343 -7.40 -28.67 -1.36
CA ALA A 343 -6.76 -29.52 -0.33
C ALA A 343 -7.83 -30.15 0.58
N GLU A 344 -8.71 -29.33 1.15
CA GLU A 344 -9.77 -29.77 2.12
C GLU A 344 -10.86 -30.56 1.39
N SER A 345 -11.10 -30.23 0.11
CA SER A 345 -12.08 -30.92 -0.77
C SER A 345 -11.50 -32.25 -1.27
N SER A 346 -10.17 -32.32 -1.38
CA SER A 346 -9.39 -33.54 -1.75
C SER A 346 -9.40 -34.52 -0.57
N VAL A 347 -9.56 -34.01 0.66
CA VAL A 347 -9.73 -34.80 1.92
C VAL A 347 -11.12 -35.44 1.92
N LYS A 348 -12.17 -34.61 1.87
CA LYS A 348 -13.60 -35.01 2.04
C LYS A 348 -14.12 -35.73 0.79
N GLU A 349 -13.32 -35.80 -0.29
CA GLU A 349 -13.73 -36.33 -1.62
C GLU A 349 -15.04 -35.64 -2.07
N LYS A 350 -15.14 -34.32 -1.81
CA LYS A 350 -16.34 -33.47 -2.02
C LYS A 350 -15.90 -32.00 -2.05
N ASP A 351 -16.58 -31.15 -2.84
CA ASP A 351 -16.26 -29.70 -2.96
C ASP A 351 -16.70 -28.97 -1.68
N MET A 352 -15.77 -28.37 -0.94
CA MET A 352 -16.05 -27.70 0.36
C MET A 352 -16.33 -26.19 0.15
N THR A 353 -16.22 -25.70 -1.08
CA THR A 353 -16.29 -24.23 -1.41
C THR A 353 -17.49 -23.62 -0.68
N LYS A 354 -18.68 -24.17 -0.96
CA LYS A 354 -19.99 -23.72 -0.39
C LYS A 354 -19.93 -23.72 1.14
N GLU A 355 -19.44 -24.80 1.75
CA GLU A 355 -19.43 -25.01 3.22
C GLU A 355 -18.61 -23.91 3.91
N PHE A 356 -17.35 -23.72 3.51
CA PHE A 356 -16.40 -22.74 4.13
C PHE A 356 -16.98 -21.32 4.11
N PHE A 357 -17.25 -20.80 2.92
CA PHE A 357 -17.72 -19.40 2.75
C PHE A 357 -19.02 -19.21 3.52
N GLU A 358 -19.94 -20.18 3.43
CA GLU A 358 -21.29 -20.08 4.06
C GLU A 358 -21.19 -20.39 5.56
N ASN A 359 -20.37 -21.37 5.95
CA ASN A 359 -20.18 -21.82 7.36
C ASN A 359 -18.84 -21.31 7.92
N LYS A 360 -18.89 -20.24 8.73
CA LYS A 360 -17.70 -19.61 9.40
C LYS A 360 -17.03 -20.57 10.38
N SER A 361 -17.62 -21.75 10.63
CA SER A 361 -17.14 -22.74 11.64
C SER A 361 -15.68 -23.14 11.35
N GLU A 362 -15.34 -23.47 10.09
CA GLU A 362 -13.96 -23.81 9.66
C GLU A 362 -13.10 -22.55 9.75
N THR A 363 -11.89 -22.66 10.33
CA THR A 363 -10.98 -21.52 10.56
C THR A 363 -9.54 -21.87 10.18
N TRP A 364 -8.74 -20.82 10.01
CA TRP A 364 -7.30 -20.88 9.70
C TRP A 364 -6.54 -19.91 10.61
N PRO A 365 -5.30 -20.27 11.03
CA PRO A 365 -4.48 -19.38 11.85
C PRO A 365 -3.96 -18.25 10.94
N ILE A 366 -4.30 -17.00 11.24
CA ILE A 366 -3.88 -15.85 10.36
C ILE A 366 -3.45 -14.63 11.20
N GLY A 367 -3.43 -14.75 12.52
CA GLY A 367 -3.15 -13.58 13.36
C GLY A 367 -2.55 -14.02 14.67
N GLU A 368 -2.09 -13.05 15.46
CA GLU A 368 -1.46 -13.33 16.76
C GLU A 368 -1.65 -12.14 17.70
N SER A 369 -1.56 -12.41 19.00
CA SER A 369 -1.58 -11.41 20.10
C SER A 369 -0.68 -11.86 21.24
N PRO A 370 -0.64 -11.13 22.39
CA PRO A 370 0.11 -11.59 23.56
C PRO A 370 -0.41 -12.95 24.02
N ARG A 371 -1.72 -13.15 23.94
CA ARG A 371 -2.40 -14.42 24.28
C ARG A 371 -1.78 -15.56 23.46
N GLY A 372 -2.01 -15.55 22.14
CA GLY A 372 -1.47 -16.59 21.23
C GLY A 372 -2.02 -16.47 19.82
N VAL A 373 -1.84 -17.53 19.01
CA VAL A 373 -2.28 -17.57 17.59
C VAL A 373 -3.80 -17.43 17.53
N GLU A 374 -4.31 -16.63 16.58
CA GLU A 374 -5.77 -16.38 16.39
C GLU A 374 -6.18 -16.99 15.04
N GLU A 375 -7.33 -17.66 15.01
CA GLU A 375 -7.88 -18.29 13.78
C GLU A 375 -8.97 -17.39 13.19
N GLY A 376 -9.17 -17.48 11.88
CA GLY A 376 -10.19 -16.68 11.17
C GLY A 376 -10.94 -17.51 10.16
N SER A 377 -12.20 -17.10 9.94
CA SER A 377 -13.05 -17.58 8.84
C SER A 377 -12.32 -17.36 7.52
N ILE A 378 -12.75 -18.07 6.49
CA ILE A 378 -12.14 -18.12 5.14
C ILE A 378 -12.12 -16.69 4.56
N GLY A 379 -13.07 -15.85 4.96
CA GLY A 379 -13.19 -14.46 4.49
C GLY A 379 -12.00 -13.63 4.93
N LYS A 380 -11.61 -13.76 6.21
CA LYS A 380 -10.41 -13.13 6.79
C LYS A 380 -9.16 -13.65 6.07
N VAL A 381 -9.16 -14.93 5.71
CA VAL A 381 -8.01 -15.52 4.95
C VAL A 381 -7.95 -14.87 3.56
N CYS A 382 -9.09 -14.71 2.88
CA CYS A 382 -9.14 -14.06 1.55
C CYS A 382 -8.49 -12.67 1.67
N ARG A 383 -8.88 -11.90 2.69
CA ARG A 383 -8.47 -10.49 2.81
C ARG A 383 -6.99 -10.43 3.21
N THR A 384 -6.53 -11.33 4.07
CA THR A 384 -5.10 -11.37 4.49
C THR A 384 -4.20 -11.75 3.31
N LEU A 385 -4.57 -12.75 2.53
CA LEU A 385 -3.78 -13.12 1.33
C LEU A 385 -3.79 -11.99 0.31
N LEU A 386 -4.96 -11.37 0.07
CA LEU A 386 -5.06 -10.23 -0.87
C LEU A 386 -4.13 -9.12 -0.38
N ALA A 387 -4.18 -8.78 0.90
CA ALA A 387 -3.36 -7.68 1.45
C ALA A 387 -1.88 -8.03 1.30
N LYS A 388 -1.51 -9.27 1.51
CA LYS A 388 -0.10 -9.67 1.33
C LYS A 388 0.32 -9.46 -0.13
N SER A 389 -0.48 -9.91 -1.09
CA SER A 389 -0.17 -9.77 -2.53
C SER A 389 -0.09 -8.27 -2.90
N VAL A 390 -1.04 -7.47 -2.40
CA VAL A 390 -1.08 -6.01 -2.67
C VAL A 390 0.18 -5.35 -2.12
N PHE A 391 0.57 -5.67 -0.88
CA PHE A 391 1.78 -5.09 -0.25
C PHE A 391 3.06 -5.53 -0.99
N ASN A 392 3.11 -6.74 -1.53
CA ASN A 392 4.27 -7.16 -2.35
C ASN A 392 4.37 -6.23 -3.56
N SER A 393 3.23 -5.78 -4.10
CA SER A 393 3.19 -4.88 -5.27
C SER A 393 3.54 -3.45 -4.81
N LEU A 394 2.89 -2.95 -3.73
CA LEU A 394 3.15 -1.57 -3.27
C LEU A 394 4.61 -1.41 -2.84
N TYR A 395 5.23 -2.45 -2.28
CA TYR A 395 6.61 -2.34 -1.74
C TYR A 395 7.59 -3.18 -2.56
N ALA A 396 7.29 -3.42 -3.84
CA ALA A 396 8.17 -4.23 -4.73
C ALA A 396 9.60 -3.70 -4.62
N SER A 397 10.56 -4.60 -4.42
CA SER A 397 12.01 -4.25 -4.33
C SER A 397 12.86 -5.47 -4.65
N PRO A 398 14.14 -5.24 -5.01
CA PRO A 398 15.09 -6.34 -5.11
C PRO A 398 15.28 -7.04 -3.77
N GLN A 399 15.26 -6.30 -2.66
CA GLN A 399 15.37 -6.92 -1.32
C GLN A 399 14.19 -7.89 -1.13
N LEU A 400 12.98 -7.52 -1.58
CA LEU A 400 11.80 -8.41 -1.46
C LEU A 400 12.02 -9.65 -2.34
N GLU A 401 12.53 -9.48 -3.56
CA GLU A 401 12.70 -10.62 -4.50
C GLU A 401 13.69 -11.63 -3.88
N GLY A 402 14.79 -11.11 -3.31
CA GLY A 402 15.81 -11.95 -2.64
C GLY A 402 15.22 -12.60 -1.41
N PHE A 403 14.57 -11.82 -0.55
CA PHE A 403 13.91 -12.36 0.66
C PHE A 403 12.96 -13.51 0.29
N SER A 404 12.12 -13.30 -0.72
CA SER A 404 11.05 -14.27 -1.11
C SER A 404 11.70 -15.59 -1.56
N ALA A 405 12.66 -15.52 -2.48
CA ALA A 405 13.26 -16.72 -3.10
C ALA A 405 13.96 -17.52 -2.00
N GLU A 406 14.73 -16.84 -1.14
CA GLU A 406 15.58 -17.51 -0.10
C GLU A 406 14.71 -17.96 1.08
N SER A 407 13.79 -17.14 1.57
CA SER A 407 12.96 -17.52 2.74
C SER A 407 12.08 -18.73 2.37
N ARG A 408 11.65 -18.80 1.11
CA ARG A 408 10.86 -19.95 0.62
C ARG A 408 11.64 -21.25 0.86
N LYS A 409 12.94 -21.26 0.56
CA LYS A 409 13.78 -22.47 0.77
C LYS A 409 13.82 -22.83 2.26
N LEU A 410 13.98 -21.82 3.12
CA LEU A 410 14.04 -22.01 4.60
C LEU A 410 12.69 -22.50 5.11
N LEU A 411 11.58 -21.92 4.62
CA LEU A 411 10.21 -22.36 5.00
C LEU A 411 10.05 -23.86 4.73
N LEU A 412 10.50 -24.35 3.56
CA LEU A 412 10.38 -25.79 3.20
C LEU A 412 11.19 -26.64 4.19
N ILE A 413 12.38 -26.18 4.57
CA ILE A 413 13.19 -26.89 5.60
C ILE A 413 12.42 -26.90 6.93
N VAL A 414 11.87 -25.76 7.36
CA VAL A 414 11.11 -25.70 8.64
C VAL A 414 9.90 -26.65 8.58
N GLN A 415 9.15 -26.68 7.48
CA GLN A 415 7.97 -27.57 7.36
C GLN A 415 8.41 -29.04 7.48
N ALA A 416 9.50 -29.41 6.82
CA ALA A 416 10.05 -30.77 6.87
C ALA A 416 10.49 -31.11 8.29
N LEU A 417 11.06 -30.14 9.02
CA LEU A 417 11.44 -30.36 10.45
C LEU A 417 10.20 -30.57 11.31
N ARG A 418 9.16 -29.75 11.13
CA ARG A 418 7.86 -29.92 11.82
C ARG A 418 7.35 -31.37 11.64
N ASP A 419 7.55 -31.94 10.44
CA ASP A 419 7.02 -33.27 10.07
C ASP A 419 8.01 -34.36 10.44
N ASN A 420 9.11 -34.01 11.13
CA ASN A 420 10.08 -35.02 11.62
C ASN A 420 10.71 -35.75 10.41
N LEU A 421 11.00 -35.05 9.29
CA LEU A 421 11.51 -35.65 8.02
C LEU A 421 13.04 -35.56 7.87
N GLU A 422 13.78 -34.97 8.80
CA GLU A 422 15.27 -34.91 8.64
C GLU A 422 15.65 -34.33 7.28
N PRO A 423 15.30 -33.08 6.97
CA PRO A 423 15.78 -32.43 5.75
C PRO A 423 17.29 -32.17 5.86
N GLY A 424 17.94 -32.04 4.71
CA GLY A 424 19.34 -31.56 4.64
C GLY A 424 19.47 -30.14 5.16
N THR A 425 20.44 -29.85 6.04
CA THR A 425 20.67 -28.46 6.55
C THR A 425 22.05 -27.93 6.16
N PHE A 426 22.81 -28.67 5.35
CA PHE A 426 24.24 -28.33 5.09
C PHE A 426 24.36 -26.89 4.59
N ASP A 427 23.32 -26.35 3.95
CA ASP A 427 23.39 -25.00 3.32
C ASP A 427 22.70 -23.92 4.17
N LEU A 428 22.27 -24.23 5.41
CA LEU A 428 21.53 -23.23 6.25
C LEU A 428 22.38 -21.98 6.43
N GLY A 429 23.71 -22.12 6.59
CA GLY A 429 24.62 -20.97 6.71
C GLY A 429 24.49 -20.03 5.51
N GLY A 430 24.56 -20.59 4.30
CA GLY A 430 24.41 -19.85 3.04
C GLY A 430 23.06 -19.18 2.95
N LEU A 431 22.00 -19.93 3.27
CA LEU A 431 20.59 -19.48 3.18
C LEU A 431 20.41 -18.28 4.11
N TYR A 432 20.86 -18.37 5.35
CA TYR A 432 20.70 -17.26 6.33
C TYR A 432 21.50 -16.04 5.87
N GLU A 433 22.72 -16.24 5.35
CA GLU A 433 23.51 -15.10 4.82
C GLU A 433 22.71 -14.40 3.72
N ALA A 434 22.18 -15.18 2.77
CA ALA A 434 21.46 -14.64 1.60
C ALA A 434 20.20 -13.89 2.07
N ILE A 435 19.51 -14.42 3.07
CA ILE A 435 18.23 -13.80 3.57
C ILE A 435 18.63 -12.53 4.32
N GLU A 436 19.61 -12.64 5.20
CA GLU A 436 19.95 -11.52 6.11
C GLU A 436 20.61 -10.37 5.32
N GLU A 437 21.23 -10.64 4.16
CA GLU A 437 21.72 -9.54 3.29
C GLU A 437 20.54 -8.70 2.79
N CYS A 438 19.31 -9.24 2.79
CA CYS A 438 18.11 -8.51 2.31
C CYS A 438 17.47 -7.69 3.43
N LEU A 439 17.90 -7.89 4.68
CA LEU A 439 17.28 -7.23 5.87
C LEU A 439 18.15 -6.03 6.23
N ILE A 440 17.99 -4.95 5.49
CA ILE A 440 18.78 -3.70 5.72
C ILE A 440 17.88 -2.61 6.29
N ASN A 441 16.88 -2.17 5.52
CA ASN A 441 16.08 -1.00 5.95
C ASN A 441 14.67 -0.99 5.35
N ASP A 442 14.31 -1.99 4.55
CA ASP A 442 13.03 -1.95 3.80
C ASP A 442 11.90 -2.32 4.74
N PRO A 443 10.89 -1.46 4.96
CA PRO A 443 9.87 -1.75 5.96
C PRO A 443 9.10 -3.04 5.77
N TRP A 444 8.76 -3.35 4.51
CA TRP A 444 7.94 -4.53 4.15
C TRP A 444 8.78 -5.81 4.30
N VAL A 445 10.02 -5.79 3.81
CA VAL A 445 10.94 -6.96 4.00
C VAL A 445 11.18 -7.19 5.50
N LEU A 446 11.47 -6.15 6.27
CA LEU A 446 11.67 -6.32 7.73
C LEU A 446 10.42 -6.93 8.39
N LEU A 447 9.23 -6.48 8.02
CA LEU A 447 8.00 -7.03 8.66
C LEU A 447 7.89 -8.51 8.30
N ASN A 448 8.14 -8.82 7.04
CA ASN A 448 8.09 -10.24 6.59
C ASN A 448 9.11 -11.09 7.35
N ALA A 449 10.28 -10.56 7.64
CA ALA A 449 11.28 -11.31 8.47
C ALA A 449 10.73 -11.51 9.88
N SER A 450 10.15 -10.46 10.46
CA SER A 450 9.57 -10.54 11.82
C SER A 450 8.42 -11.55 11.84
N TRP A 451 7.57 -11.55 10.82
CA TRP A 451 6.48 -12.55 10.68
C TRP A 451 7.07 -13.95 10.59
N PHE A 452 8.10 -14.13 9.78
CA PHE A 452 8.76 -15.45 9.62
C PHE A 452 9.24 -15.91 10.99
N ASN A 453 9.85 -15.01 11.75
CA ASN A 453 10.33 -15.35 13.12
C ASN A 453 9.16 -15.80 14.00
N SER A 454 8.02 -15.11 13.96
CA SER A 454 6.84 -15.50 14.77
C SER A 454 6.40 -16.90 14.38
N PHE A 455 6.33 -17.17 13.09
CA PHE A 455 5.96 -18.50 12.55
C PHE A 455 6.92 -19.56 13.15
N LEU A 456 8.21 -19.24 13.14
CA LEU A 456 9.27 -20.18 13.55
C LEU A 456 9.09 -20.52 15.02
N THR A 457 8.82 -19.54 15.89
CA THR A 457 8.65 -19.83 17.35
C THR A 457 7.49 -20.82 17.54
N HIS A 458 6.40 -20.67 16.77
CA HIS A 458 5.19 -21.53 16.89
C HIS A 458 5.43 -22.88 16.22
N ALA A 459 6.20 -22.93 15.14
CA ALA A 459 6.36 -24.12 14.29
C ALA A 459 7.25 -25.14 15.00
N LEU A 460 8.32 -24.68 15.66
CA LEU A 460 9.32 -25.56 16.31
C LEU A 460 9.21 -25.42 17.84
N LYS A 461 8.00 -25.14 18.34
CA LYS A 461 7.62 -25.14 19.78
C LYS A 461 8.26 -26.35 20.48
N ASP B 1 -2.88 -8.78 15.49
CA ASP B 1 -1.98 -8.48 14.35
C ASP B 1 -2.06 -9.62 13.34
N TYR B 2 -2.37 -9.30 12.08
CA TYR B 2 -2.45 -10.29 10.98
C TYR B 2 -1.04 -10.69 10.57
N ASN B 3 -0.84 -11.98 10.32
CA ASN B 3 0.47 -12.52 9.89
C ASN B 3 0.20 -13.72 9.01
N PRO B 4 0.30 -13.55 7.67
CA PRO B 4 -0.04 -14.62 6.73
C PRO B 4 0.86 -15.87 6.83
N TYR B 5 2.05 -15.74 7.40
CA TYR B 5 2.98 -16.90 7.58
C TYR B 5 2.34 -17.91 8.55
N LEU B 6 1.44 -17.43 9.42
CA LEU B 6 0.83 -18.32 10.45
C LEU B 6 -0.08 -19.32 9.77
N LEU B 7 -0.48 -19.09 8.51
CA LEU B 7 -1.28 -20.08 7.75
C LEU B 7 -0.49 -21.39 7.61
N PHE B 8 0.83 -21.29 7.55
CA PHE B 8 1.69 -22.48 7.31
C PHE B 8 1.62 -23.41 8.53
N LEU B 9 1.06 -22.97 9.66
CA LEU B 9 0.97 -23.82 10.86
C LEU B 9 -0.09 -24.91 10.66
N LYS B 10 -1.02 -24.73 9.74
CA LYS B 10 -2.17 -25.66 9.59
C LYS B 10 -1.72 -26.78 8.64
#